data_8G3T
#
_entry.id   8G3T
#
_cell.length_a   99.309
_cell.length_b   137.340
_cell.length_c   38.572
_cell.angle_alpha   90.00
_cell.angle_beta   90.00
_cell.angle_gamma   90.00
#
_symmetry.space_group_name_H-M   'P 21 21 2'
#
loop_
_entity.id
_entity.type
_entity.pdbx_description
1 polymer 'Maltodextrin-binding protein, Induced myeloid leukemia cell differentiation protein Mcl-1 chimera'
2 branched alpha-D-glucopyranose-(1-4)-alpha-D-glucopyranose
3 non-polymer 'FORMIC ACID'
4 non-polymer 1,2-ETHANEDIOL
5 non-polymer "(1'S,3aS,5R,16R,17S,19Z,21R,21aR)-6'-chloro-20-fluoro-21-methoxy-16,17-dimethyl-2,3,3',3a,4',16,17,18,21,21a-decahydro-2'H,6H,8H-15lambda~6~-spiro[10,12-etheno-15lambda~6~-furo[3,2-i][1,4]oxazepino[3,4-f][1,2,7]thiadiazacyclohexadecine-7,1'-naphthalene]-13,15,15(4H,14H)-trione"
6 water water
#
_entity_poly.entity_id   1
_entity_poly.type   'polypeptide(L)'
_entity_poly.pdbx_seq_one_letter_code
;GKIEEGKLVIWINGDKGYNGLAEVGKKFEKDTGIKVTVEHPDKLEEKFPQVAATGDGPDIIFWAHDRFGGYAQSGLLAEI
TPDKAFQDKLYPFTWDAVRYNGKLIAYPIAVEALSLIYNKDLLPNPPKTWEEIPALDKELKAKGKSALMFNLQEPYFTWP
LIAADGGYAFKYENGKYDIKDVGVDNAGAKAGLTFLVDLIKNKHMNADTDYSIAEAAFNKGETAMTINGPWAWSNIDTSK
VNYGVTVLPTFKGQPSKPFVGVLSAGINAASPNKELAKEFLENYLLTDEGLEAVNKDKPLGAVALKSYEEELAKDPRIAA
TMENAQKGEIMPNIPQMSAFWYAVRTAVINAASGRQTVDEALKDAQTGSELYRQSLEIISRYLREQATGAADTAPMGASG
ATSRKALETLRRVGDGVQRNHETAFQGMLRKLDIKNEDDVKSLSRVMIHVFSDGVTNWGRIVTLISFGAFVAKHLKTINQ
ESCIEPLAESITDVLVRTKRDWLVKQRGWDGFVEFFHV
;
_entity_poly.pdbx_strand_id   A
#
loop_
_chem_comp.id
_chem_comp.type
_chem_comp.name
_chem_comp.formula
EDO non-polymer 1,2-ETHANEDIOL 'C2 H6 O2'
FMT non-polymer 'FORMIC ACID' 'C H2 O2'
GLC D-saccharide, alpha linking alpha-D-glucopyranose 'C6 H12 O6'
YLK non-polymer (1'S,3aS,5R,16R,17S,19Z,21R,21aR)-6'-chloro-20-fluoro-21-methoxy-16,17-dimethyl-2,3,3',3a,4',16,17,18,21,21a-decahydro-2'H,6H,8H-15lambda~6~-spiro[10,12-etheno-15lambda~6~-furo[3,2-i][1,4]oxazepino[3,4-f][1,2,7]thiadiazacyclohexadecine-7,1'-naphthalene]-13,15,15(4H,14H)-trione 'C33 H40 Cl F N2 O6 S'
#
# COMPACT_ATOMS: atom_id res chain seq x y z
N GLY A 1 5.03 19.54 -16.83
CA GLY A 1 5.54 20.75 -16.13
C GLY A 1 6.65 20.49 -15.13
N LYS A 2 7.44 21.52 -14.85
CA LYS A 2 8.51 21.49 -13.86
C LYS A 2 8.00 22.09 -12.56
N ILE A 3 8.53 21.60 -11.45
CA ILE A 3 8.20 22.11 -10.12
C ILE A 3 8.83 23.52 -9.98
N GLU A 4 8.05 24.46 -9.44
CA GLU A 4 8.43 25.88 -9.36
C GLU A 4 9.46 26.10 -8.23
N GLU A 5 10.56 26.77 -8.56
CA GLU A 5 11.63 27.06 -7.59
C GLU A 5 11.23 28.21 -6.66
N GLY A 6 11.69 28.17 -5.41
CA GLY A 6 11.44 29.23 -4.43
C GLY A 6 10.07 29.26 -3.76
N LYS A 7 9.40 28.11 -3.71
CA LYS A 7 8.21 27.89 -2.85
C LYS A 7 8.14 26.43 -2.47
N LEU A 8 7.27 26.10 -1.51
CA LEU A 8 6.97 24.72 -1.15
C LEU A 8 5.48 24.40 -1.35
N VAL A 9 5.22 23.34 -2.12
CA VAL A 9 3.89 22.76 -2.29
C VAL A 9 3.91 21.43 -1.53
N ILE A 10 2.95 21.28 -0.61
CA ILE A 10 2.82 20.10 0.24
C ILE A 10 1.45 19.44 -0.03
N TRP A 11 1.46 18.11 -0.12
CA TRP A 11 0.25 17.27 -0.25
C TRP A 11 0.14 16.42 1.01
N ILE A 12 -1.03 16.46 1.65
CA ILE A 12 -1.34 15.63 2.82
C ILE A 12 -2.78 15.18 2.67
N ASN A 13 -3.14 14.05 3.28
CA ASN A 13 -4.52 13.52 3.17
C ASN A 13 -5.54 14.40 3.92
N GLY A 14 -6.75 14.44 3.38
CA GLY A 14 -7.83 15.28 3.89
C GLY A 14 -8.43 14.93 5.25
N ASP A 15 -8.06 13.77 5.81
CA ASP A 15 -8.37 13.40 7.20
C ASP A 15 -7.36 13.92 8.25
N LYS A 16 -6.23 14.50 7.81
CA LYS A 16 -5.16 14.96 8.70
C LYS A 16 -5.23 16.45 9.01
N GLY A 17 -4.39 16.88 9.95
CA GLY A 17 -4.39 18.26 10.42
C GLY A 17 -3.72 19.25 9.46
N TYR A 18 -4.37 19.47 8.32
CA TYR A 18 -3.76 20.30 7.24
C TYR A 18 -3.79 21.80 7.47
N ASN A 19 -4.77 22.32 8.19
CA ASN A 19 -4.76 23.74 8.64
C ASN A 19 -3.63 23.96 9.65
N GLY A 20 -3.47 23.01 10.57
CA GLY A 20 -2.33 22.94 11.50
C GLY A 20 -0.99 22.94 10.78
N LEU A 21 -0.87 22.14 9.72
CA LEU A 21 0.33 22.10 8.89
C LEU A 21 0.57 23.44 8.14
N ALA A 22 -0.51 24.07 7.69
CA ALA A 22 -0.43 25.39 7.08
C ALA A 22 0.06 26.49 8.06
N GLU A 23 -0.30 26.40 9.36
CA GLU A 23 0.26 27.30 10.39
C GLU A 23 1.78 27.15 10.54
N VAL A 24 2.27 25.91 10.44
CA VAL A 24 3.73 25.65 10.42
C VAL A 24 4.35 26.30 9.16
N GLY A 25 3.65 26.19 8.03
CA GLY A 25 4.03 26.85 6.78
C GLY A 25 4.18 28.37 6.85
N LYS A 26 3.26 29.02 7.58
CA LYS A 26 3.30 30.46 7.81
C LYS A 26 4.47 30.89 8.70
N LYS A 27 4.80 30.09 9.71
CA LYS A 27 6.00 30.30 10.53
C LYS A 27 7.30 30.21 9.69
N PHE A 28 7.34 29.24 8.78
CA PHE A 28 8.44 29.10 7.80
C PHE A 28 8.55 30.34 6.90
N GLU A 29 7.42 30.78 6.35
CA GLU A 29 7.34 32.01 5.54
C GLU A 29 7.83 33.26 6.28
N LYS A 30 7.43 33.39 7.55
CA LYS A 30 7.82 34.50 8.42
C LYS A 30 9.35 34.62 8.60
N ASP A 31 10.03 33.48 8.77
CA ASP A 31 11.51 33.45 8.83
C ASP A 31 12.19 33.69 7.49
N THR A 32 11.67 33.05 6.44
CA THR A 32 12.41 32.83 5.18
C THR A 32 11.97 33.66 3.96
N GLY A 33 10.74 34.22 3.99
CA GLY A 33 10.11 34.80 2.80
C GLY A 33 9.48 33.81 1.81
N ILE A 34 9.52 32.51 2.12
CA ILE A 34 9.12 31.46 1.18
C ILE A 34 7.68 31.05 1.49
N LYS A 35 6.83 31.11 0.48
CA LYS A 35 5.42 30.71 0.57
C LYS A 35 5.30 29.16 0.65
N VAL A 36 4.47 28.67 1.59
CA VAL A 36 4.16 27.24 1.74
C VAL A 36 2.67 27.05 1.44
N THR A 37 2.36 26.24 0.41
CA THR A 37 0.98 25.91 0.04
C THR A 37 0.72 24.45 0.46
N VAL A 38 -0.32 24.25 1.27
CA VAL A 38 -0.76 22.91 1.72
C VAL A 38 -2.05 22.60 0.95
N GLU A 39 -2.07 21.43 0.31
CA GLU A 39 -3.21 20.94 -0.45
C GLU A 39 -3.55 19.53 0.02
N HIS A 40 -4.82 19.15 -0.11
CA HIS A 40 -5.30 17.82 0.25
C HIS A 40 -6.14 17.21 -0.88
N PRO A 41 -5.51 16.95 -2.05
CA PRO A 41 -6.29 16.40 -3.17
C PRO A 41 -6.82 15.01 -2.89
N ASP A 42 -7.95 14.67 -3.50
CA ASP A 42 -8.53 13.33 -3.43
C ASP A 42 -7.57 12.36 -4.14
N LYS A 43 -7.43 11.16 -3.58
CA LYS A 43 -6.61 10.08 -4.16
C LYS A 43 -5.15 10.49 -4.41
N LEU A 44 -4.58 11.25 -3.48
CA LEU A 44 -3.22 11.81 -3.65
C LEU A 44 -2.15 10.73 -3.74
N GLU A 45 -2.35 9.63 -3.02
CA GLU A 45 -1.47 8.45 -3.08
C GLU A 45 -1.46 7.73 -4.44
N GLU A 46 -2.56 7.82 -5.19
CA GLU A 46 -2.61 7.41 -6.60
C GLU A 46 -2.09 8.48 -7.57
N LYS A 47 -2.41 9.75 -7.28
CA LYS A 47 -1.97 10.87 -8.12
C LYS A 47 -0.47 11.11 -8.07
N PHE A 48 0.13 11.06 -6.87
CA PHE A 48 1.56 11.34 -6.70
C PHE A 48 2.49 10.56 -7.67
N PRO A 49 2.40 9.20 -7.71
CA PRO A 49 3.27 8.47 -8.67
C PRO A 49 3.06 8.78 -10.16
N GLN A 50 1.86 9.23 -10.54
CA GLN A 50 1.57 9.64 -11.92
C GLN A 50 2.25 10.97 -12.25
N VAL A 51 1.98 12.00 -11.45
CA VAL A 51 2.52 13.35 -11.69
C VAL A 51 4.05 13.45 -11.43
N ALA A 52 4.52 12.79 -10.37
CA ALA A 52 5.96 12.73 -10.03
C ALA A 52 6.80 12.06 -11.10
N ALA A 53 6.26 11.01 -11.73
CA ALA A 53 6.90 10.35 -12.89
C ALA A 53 7.25 11.27 -14.07
N THR A 54 6.45 12.32 -14.26
CA THR A 54 6.68 13.33 -15.32
C THR A 54 7.50 14.56 -14.84
N GLY A 55 8.08 14.49 -13.63
CA GLY A 55 8.80 15.59 -13.03
C GLY A 55 7.96 16.71 -12.43
N ASP A 56 6.73 16.36 -12.04
CA ASP A 56 5.71 17.31 -11.57
C ASP A 56 5.32 16.94 -10.13
N GLY A 57 4.26 17.57 -9.59
CA GLY A 57 3.67 17.22 -8.29
C GLY A 57 4.14 18.13 -7.16
N PRO A 58 3.86 17.76 -5.90
CA PRO A 58 4.28 18.59 -4.77
C PRO A 58 5.77 18.41 -4.48
N ASP A 59 6.34 19.38 -3.77
CA ASP A 59 7.69 19.26 -3.22
C ASP A 59 7.75 18.18 -2.13
N ILE A 60 6.74 18.16 -1.26
CA ILE A 60 6.64 17.24 -0.12
C ILE A 60 5.33 16.46 -0.20
N ILE A 61 5.38 15.15 0.00
CA ILE A 61 4.17 14.30 0.06
C ILE A 61 4.12 13.62 1.44
N PHE A 62 2.96 13.74 2.09
CA PHE A 62 2.63 13.05 3.34
C PHE A 62 1.72 11.85 3.07
N TRP A 63 2.12 10.69 3.58
CA TRP A 63 1.31 9.49 3.60
C TRP A 63 1.91 8.55 4.63
N ALA A 64 1.15 7.52 5.00
CA ALA A 64 1.71 6.38 5.70
C ALA A 64 2.84 5.76 4.89
N HIS A 65 3.79 5.17 5.61
CA HIS A 65 5.04 4.70 5.04
C HIS A 65 4.90 3.55 4.03
N ASP A 66 3.80 2.81 4.08
CA ASP A 66 3.59 1.68 3.18
C ASP A 66 3.69 1.98 1.67
N ARG A 67 3.26 3.16 1.25
CA ARG A 67 3.34 3.57 -0.17
C ARG A 67 4.73 4.00 -0.66
N PHE A 68 5.65 4.32 0.27
CA PHE A 68 6.89 5.04 -0.05
C PHE A 68 7.96 4.22 -0.76
N GLY A 69 8.00 2.91 -0.50
CA GLY A 69 8.96 2.02 -1.17
C GLY A 69 8.67 1.88 -2.66
N GLY A 70 7.39 1.78 -3.01
CA GLY A 70 6.94 1.85 -4.42
C GLY A 70 7.42 3.13 -5.11
N TYR A 71 7.17 4.27 -4.47
CA TYR A 71 7.66 5.59 -4.94
C TYR A 71 9.19 5.62 -5.11
N ALA A 72 9.91 5.14 -4.09
CA ALA A 72 11.39 5.07 -4.11
C ALA A 72 11.93 4.15 -5.17
N GLN A 73 11.29 3.00 -5.37
CA GLN A 73 11.63 2.07 -6.45
C GLN A 73 11.47 2.70 -7.86
N SER A 74 10.45 3.55 -8.01
CA SER A 74 10.22 4.31 -9.24
C SER A 74 11.09 5.59 -9.42
N GLY A 75 12.03 5.86 -8.50
CA GLY A 75 12.88 7.06 -8.59
C GLY A 75 12.20 8.36 -8.26
N LEU A 76 11.08 8.31 -7.52
CA LEU A 76 10.26 9.49 -7.24
C LEU A 76 10.63 10.25 -5.98
N LEU A 77 11.46 9.66 -5.11
CA LEU A 77 11.82 10.26 -3.83
C LEU A 77 13.31 10.57 -3.72
N ALA A 78 13.62 11.74 -3.17
CA ALA A 78 14.99 12.10 -2.79
C ALA A 78 15.39 11.33 -1.53
N GLU A 79 16.62 10.82 -1.53
CA GLU A 79 17.22 10.26 -0.32
C GLU A 79 17.35 11.34 0.77
N ILE A 80 17.01 10.95 1.99
CA ILE A 80 16.95 11.81 3.17
C ILE A 80 18.24 11.54 3.95
N THR A 81 19.02 12.59 4.21
CA THR A 81 20.32 12.47 4.92
C THR A 81 20.36 13.41 6.15
N PRO A 82 19.58 13.08 7.21
CA PRO A 82 19.70 13.89 8.43
C PRO A 82 21.00 13.55 9.15
N ASP A 83 21.57 14.54 9.85
CA ASP A 83 22.73 14.27 10.71
C ASP A 83 22.33 13.42 11.93
N LYS A 84 23.33 12.90 12.63
CA LYS A 84 23.10 12.05 13.82
C LYS A 84 22.26 12.76 14.88
N ALA A 85 22.61 14.02 15.18
CA ALA A 85 21.86 14.84 16.15
C ALA A 85 20.36 14.89 15.88
N PHE A 86 19.97 15.00 14.61
CA PHE A 86 18.56 14.97 14.25
C PHE A 86 17.95 13.56 14.32
N GLN A 87 18.63 12.56 13.76
CA GLN A 87 18.16 11.17 13.80
C GLN A 87 17.88 10.64 15.21
N ASP A 88 18.72 11.02 16.17
CA ASP A 88 18.55 10.61 17.57
C ASP A 88 17.34 11.24 18.28
N LYS A 89 16.80 12.33 17.74
CA LYS A 89 15.56 12.93 18.26
C LYS A 89 14.28 12.14 17.97
N LEU A 90 14.31 11.23 16.98
CA LEU A 90 13.18 10.33 16.68
C LEU A 90 13.47 8.89 17.08
N TYR A 91 12.41 8.15 17.42
CA TYR A 91 12.54 6.74 17.82
C TYR A 91 13.08 5.91 16.65
N PRO A 92 14.10 5.03 16.90
CA PRO A 92 14.69 4.21 15.82
C PRO A 92 13.71 3.37 14.98
N PHE A 93 12.67 2.84 15.60
CA PHE A 93 11.68 2.03 14.89
C PHE A 93 10.89 2.84 13.84
N THR A 94 10.74 4.15 14.06
CA THR A 94 10.09 5.05 13.09
C THR A 94 10.99 5.27 11.84
N TRP A 95 12.29 5.48 12.07
CA TRP A 95 13.28 5.48 10.97
C TRP A 95 13.32 4.17 10.15
N ASP A 96 13.17 3.02 10.81
CA ASP A 96 13.09 1.70 10.14
C ASP A 96 11.91 1.59 9.15
N ALA A 97 10.77 2.18 9.51
CA ALA A 97 9.60 2.25 8.61
C ALA A 97 9.82 3.03 7.30
N VAL A 98 10.74 4.00 7.32
CA VAL A 98 11.10 4.81 6.15
C VAL A 98 12.48 4.44 5.54
N ARG A 99 13.02 3.27 5.88
CA ARG A 99 14.22 2.74 5.24
C ARG A 99 13.79 1.80 4.11
N TYR A 100 14.35 2.00 2.91
CA TYR A 100 14.09 1.17 1.73
C TYR A 100 15.41 0.91 1.00
N ASN A 101 15.76 -0.37 0.83
CA ASN A 101 17.05 -0.79 0.25
C ASN A 101 18.25 -0.08 0.89
N GLY A 102 18.25 -0.05 2.22
CA GLY A 102 19.30 0.59 3.01
C GLY A 102 19.35 2.11 3.06
N LYS A 103 18.40 2.81 2.41
CA LYS A 103 18.39 4.28 2.32
C LYS A 103 17.13 4.86 2.94
N LEU A 104 17.29 5.98 3.64
CA LEU A 104 16.18 6.68 4.25
C LEU A 104 15.48 7.50 3.14
N ILE A 105 14.19 7.22 2.95
CA ILE A 105 13.38 7.82 1.85
C ILE A 105 12.27 8.80 2.29
N ALA A 106 12.17 9.06 3.59
CA ALA A 106 11.16 9.96 4.16
C ALA A 106 11.53 10.35 5.59
N TYR A 107 10.94 11.42 6.10
CA TYR A 107 10.96 11.72 7.52
C TYR A 107 9.73 11.11 8.18
N PRO A 108 9.89 10.28 9.24
CA PRO A 108 8.69 9.82 9.97
C PRO A 108 8.14 10.91 10.87
N ILE A 109 6.81 10.95 11.01
CA ILE A 109 6.08 12.00 11.75
C ILE A 109 5.38 11.39 12.98
N ALA A 110 4.56 10.35 12.77
CA ALA A 110 3.75 9.75 13.83
C ALA A 110 3.28 8.34 13.53
N VAL A 111 3.09 7.55 14.59
CA VAL A 111 2.63 6.16 14.52
C VAL A 111 1.10 6.12 14.70
N GLU A 112 0.43 5.49 13.74
CA GLU A 112 -1.02 5.39 13.69
C GLU A 112 -1.40 3.91 13.82
N ALA A 113 -2.33 3.63 14.71
CA ALA A 113 -3.06 2.35 14.74
C ALA A 113 -4.53 2.63 15.01
N LEU A 114 -5.40 1.81 14.42
CA LEU A 114 -6.83 1.85 14.71
C LEU A 114 -7.08 1.36 16.13
N SER A 115 -8.12 1.92 16.76
CA SER A 115 -8.67 1.45 18.02
C SER A 115 -10.20 1.35 17.93
N LEU A 116 -10.78 0.67 18.91
CA LEU A 116 -12.23 0.66 19.12
C LEU A 116 -12.58 1.94 19.91
N ILE A 117 -13.47 2.76 19.34
CA ILE A 117 -13.99 3.97 19.96
C ILE A 117 -15.44 3.65 20.31
N TYR A 118 -15.83 3.93 21.56
CA TYR A 118 -17.15 3.56 22.06
C TYR A 118 -17.78 4.72 22.86
N ASN A 119 -19.10 4.81 22.76
CA ASN A 119 -19.89 5.82 23.48
C ASN A 119 -20.20 5.25 24.86
N LYS A 120 -19.56 5.82 25.89
CA LYS A 120 -19.75 5.42 27.30
C LYS A 120 -21.17 5.57 27.83
N ASP A 121 -21.94 6.52 27.29
CA ASP A 121 -23.35 6.68 27.67
C ASP A 121 -24.28 5.58 27.12
N LEU A 122 -23.90 4.90 26.04
CA LEU A 122 -24.64 3.72 25.53
C LEU A 122 -24.06 2.39 26.00
N LEU A 123 -22.73 2.33 26.09
CA LEU A 123 -21.97 1.12 26.34
C LEU A 123 -20.94 1.46 27.43
N PRO A 124 -21.35 1.43 28.72
CA PRO A 124 -20.41 1.66 29.85
C PRO A 124 -19.15 0.80 29.81
N ASN A 125 -19.34 -0.48 29.45
CA ASN A 125 -18.24 -1.42 29.22
C ASN A 125 -18.28 -1.94 27.80
N PRO A 126 -17.24 -1.67 27.01
CA PRO A 126 -17.23 -2.14 25.62
C PRO A 126 -16.97 -3.67 25.55
N PRO A 127 -17.42 -4.33 24.46
CA PRO A 127 -17.26 -5.78 24.31
C PRO A 127 -15.78 -6.15 24.09
N LYS A 128 -15.36 -7.23 24.74
CA LYS A 128 -14.01 -7.79 24.58
C LYS A 128 -13.84 -8.65 23.33
N THR A 129 -14.95 -9.19 22.79
CA THR A 129 -14.95 -10.10 21.65
C THR A 129 -15.82 -9.52 20.52
N TRP A 130 -15.45 -9.83 19.28
CA TRP A 130 -16.32 -9.66 18.12
C TRP A 130 -17.60 -10.50 18.24
N GLU A 131 -17.48 -11.70 18.80
CA GLU A 131 -18.60 -12.67 18.88
C GLU A 131 -19.82 -12.18 19.67
N GLU A 132 -19.61 -11.33 20.67
CA GLU A 132 -20.73 -10.75 21.43
C GLU A 132 -21.41 -9.54 20.78
N ILE A 133 -20.92 -9.07 19.63
CA ILE A 133 -21.49 -7.89 18.95
C ILE A 133 -22.91 -8.11 18.40
N PRO A 134 -23.21 -9.26 17.74
CA PRO A 134 -24.60 -9.55 17.33
C PRO A 134 -25.66 -9.41 18.42
N ALA A 135 -25.42 -10.01 19.58
CA ALA A 135 -26.33 -9.92 20.74
C ALA A 135 -26.42 -8.51 21.30
N LEU A 136 -25.27 -7.84 21.36
CA LEU A 136 -25.20 -6.45 21.76
C LEU A 136 -25.98 -5.53 20.81
N ASP A 137 -25.85 -5.76 19.51
CA ASP A 137 -26.65 -5.05 18.51
C ASP A 137 -28.16 -5.27 18.68
N LYS A 138 -28.57 -6.51 18.94
CA LYS A 138 -29.99 -6.82 19.23
C LYS A 138 -30.55 -6.03 20.43
N GLU A 139 -29.77 -5.96 21.51
CA GLU A 139 -30.08 -5.11 22.67
C GLU A 139 -30.21 -3.63 22.31
N LEU A 140 -29.23 -3.12 21.57
CA LEU A 140 -29.22 -1.72 21.16
C LEU A 140 -30.32 -1.35 20.15
N LYS A 141 -30.65 -2.27 19.23
CA LYS A 141 -31.74 -2.07 18.26
C LYS A 141 -33.11 -1.89 18.91
N ALA A 142 -33.37 -2.64 19.98
CA ALA A 142 -34.59 -2.48 20.79
C ALA A 142 -34.72 -1.10 21.46
N LYS A 143 -33.59 -0.44 21.75
CA LYS A 143 -33.53 0.97 22.22
C LYS A 143 -33.30 2.02 21.09
N GLY A 144 -33.42 1.62 19.83
CA GLY A 144 -33.20 2.51 18.67
C GLY A 144 -31.78 2.95 18.32
N LYS A 145 -30.81 2.09 18.63
CA LYS A 145 -29.39 2.35 18.36
C LYS A 145 -28.83 1.12 17.65
N SER A 146 -27.60 1.24 17.19
CA SER A 146 -26.85 0.09 16.66
C SER A 146 -25.57 -0.08 17.46
N ALA A 147 -25.00 -1.28 17.41
CA ALA A 147 -23.74 -1.56 18.11
C ALA A 147 -22.51 -0.93 17.44
N LEU A 148 -22.33 -1.15 16.13
CA LEU A 148 -21.07 -0.84 15.43
C LEU A 148 -21.24 -0.34 13.98
N MET A 149 -20.59 0.77 13.66
CA MET A 149 -20.47 1.28 12.31
C MET A 149 -19.05 1.77 12.07
N PHE A 150 -18.41 1.24 11.02
CA PHE A 150 -17.13 1.72 10.54
C PHE A 150 -17.02 1.59 9.03
N ASN A 151 -16.00 2.22 8.48
CA ASN A 151 -15.77 2.29 7.03
C ASN A 151 -15.54 0.88 6.46
N LEU A 152 -16.48 0.38 5.66
CA LEU A 152 -16.33 -0.90 4.95
C LEU A 152 -15.81 -0.76 3.52
N GLN A 153 -15.44 0.45 3.09
CA GLN A 153 -14.96 0.71 1.73
C GLN A 153 -13.44 0.67 1.60
N GLU A 154 -12.73 0.78 2.72
CA GLU A 154 -11.28 0.77 2.76
C GLU A 154 -10.82 -0.42 3.61
N PRO A 155 -10.03 -1.34 3.01
CA PRO A 155 -9.66 -2.56 3.75
C PRO A 155 -8.79 -2.38 5.00
N TYR A 156 -8.13 -1.23 5.15
CA TYR A 156 -7.47 -0.82 6.40
C TYR A 156 -8.30 -1.06 7.68
N PHE A 157 -9.60 -0.81 7.60
CA PHE A 157 -10.51 -0.89 8.75
C PHE A 157 -11.00 -2.30 9.03
N THR A 158 -11.08 -3.14 7.99
CA THR A 158 -11.52 -4.55 8.11
C THR A 158 -10.37 -5.52 8.28
N TRP A 159 -9.17 -5.14 7.80
CA TRP A 159 -7.94 -5.92 8.00
C TRP A 159 -7.65 -6.48 9.42
N PRO A 160 -7.87 -5.67 10.49
CA PRO A 160 -7.65 -6.21 11.84
C PRO A 160 -8.42 -7.51 12.13
N LEU A 161 -9.68 -7.56 11.69
CA LEU A 161 -10.50 -8.77 11.80
C LEU A 161 -10.01 -9.92 10.92
N ILE A 162 -9.76 -9.62 9.64
CA ILE A 162 -9.20 -10.59 8.67
C ILE A 162 -7.89 -11.21 9.19
N ALA A 163 -7.01 -10.37 9.72
CA ALA A 163 -5.71 -10.81 10.23
C ALA A 163 -5.73 -11.63 11.55
N ALA A 164 -6.81 -11.53 12.33
CA ALA A 164 -6.83 -12.02 13.74
C ALA A 164 -6.64 -13.52 13.90
N ASP A 165 -7.34 -14.31 13.09
CA ASP A 165 -7.28 -15.77 13.13
C ASP A 165 -6.24 -16.39 12.16
N GLY A 166 -5.37 -15.59 11.54
CA GLY A 166 -4.27 -16.08 10.70
C GLY A 166 -4.17 -15.55 9.27
N GLY A 167 -5.01 -14.58 8.89
CA GLY A 167 -4.76 -13.80 7.67
C GLY A 167 -3.47 -12.97 7.79
N TYR A 168 -2.71 -12.89 6.70
CA TYR A 168 -1.49 -12.06 6.61
C TYR A 168 -1.25 -11.57 5.16
N ALA A 169 -0.47 -10.50 5.03
CA ALA A 169 -0.17 -9.93 3.71
C ALA A 169 1.02 -10.67 3.11
N PHE A 170 2.22 -10.44 3.65
CA PHE A 170 3.47 -11.07 3.21
C PHE A 170 4.10 -11.63 4.49
N LYS A 171 4.41 -12.94 4.48
CA LYS A 171 4.86 -13.67 5.68
C LYS A 171 6.20 -13.14 6.17
N TYR A 172 6.31 -12.90 7.49
CA TYR A 172 7.53 -12.40 8.14
C TYR A 172 8.09 -13.44 9.12
N GLU A 173 9.27 -14.00 8.81
CA GLU A 173 9.94 -15.02 9.64
C GLU A 173 11.47 -14.89 9.57
N ASN A 174 12.13 -15.08 10.72
CA ASN A 174 13.58 -14.91 10.89
C ASN A 174 14.09 -13.51 10.44
N GLY A 175 13.35 -12.48 10.82
CA GLY A 175 13.66 -11.09 10.47
C GLY A 175 13.63 -10.70 9.00
N LYS A 176 12.80 -11.36 8.19
CA LYS A 176 12.70 -11.09 6.74
C LYS A 176 11.36 -11.53 6.11
N TYR A 177 10.92 -10.78 5.10
CA TYR A 177 9.68 -11.08 4.36
C TYR A 177 9.91 -12.16 3.32
N ASP A 178 9.03 -13.16 3.30
CA ASP A 178 8.88 -14.08 2.17
C ASP A 178 7.75 -13.48 1.33
N ILE A 179 8.14 -12.68 0.33
CA ILE A 179 7.22 -12.02 -0.61
C ILE A 179 6.44 -13.04 -1.47
N LYS A 180 7.00 -14.25 -1.67
CA LYS A 180 6.27 -15.34 -2.33
C LYS A 180 5.10 -15.91 -1.49
N ASP A 181 5.21 -15.83 -0.15
CA ASP A 181 4.20 -16.33 0.79
C ASP A 181 3.16 -15.25 1.16
N VAL A 182 1.98 -15.35 0.53
CA VAL A 182 0.85 -14.45 0.75
C VAL A 182 -0.27 -15.22 1.49
N GLY A 183 -0.83 -14.60 2.52
CA GLY A 183 -1.83 -15.25 3.39
C GLY A 183 -3.20 -14.59 3.32
N VAL A 184 -3.62 -14.26 2.10
CA VAL A 184 -4.88 -13.53 1.89
C VAL A 184 -6.07 -14.50 1.85
N ASP A 185 -5.88 -15.72 1.32
CA ASP A 185 -6.98 -16.70 1.19
C ASP A 185 -6.89 -17.97 2.05
N ASN A 186 -6.12 -17.93 3.13
CA ASN A 186 -6.07 -19.05 4.10
C ASN A 186 -7.34 -19.11 4.98
N ALA A 187 -7.45 -20.17 5.79
CA ALA A 187 -8.61 -20.38 6.67
C ALA A 187 -8.86 -19.25 7.70
N GLY A 188 -7.77 -18.65 8.20
CA GLY A 188 -7.82 -17.52 9.12
C GLY A 188 -8.46 -16.29 8.50
N ALA A 189 -7.98 -15.90 7.32
CA ALA A 189 -8.58 -14.79 6.55
C ALA A 189 -10.05 -15.05 6.19
N LYS A 190 -10.36 -16.27 5.75
CA LYS A 190 -11.75 -16.66 5.45
C LYS A 190 -12.69 -16.55 6.65
N ALA A 191 -12.25 -17.04 7.81
CA ALA A 191 -13.02 -16.96 9.07
C ALA A 191 -13.36 -15.52 9.46
N GLY A 192 -12.37 -14.63 9.37
CA GLY A 192 -12.52 -13.20 9.67
C GLY A 192 -13.48 -12.47 8.74
N LEU A 193 -13.30 -12.68 7.44
CA LEU A 193 -14.16 -12.04 6.44
C LEU A 193 -15.57 -12.63 6.44
N THR A 194 -15.71 -13.94 6.70
CA THR A 194 -17.02 -14.58 6.86
C THR A 194 -17.81 -13.98 8.02
N PHE A 195 -17.15 -13.76 9.16
CA PHE A 195 -17.76 -13.07 10.30
C PHE A 195 -18.28 -11.68 9.92
N LEU A 196 -17.48 -10.92 9.19
CA LEU A 196 -17.89 -9.60 8.67
C LEU A 196 -19.11 -9.71 7.75
N VAL A 197 -19.07 -10.66 6.82
CA VAL A 197 -20.17 -10.86 5.86
C VAL A 197 -21.46 -11.29 6.60
N ASP A 198 -21.31 -12.17 7.60
CA ASP A 198 -22.44 -12.57 8.46
C ASP A 198 -23.03 -11.43 9.29
N LEU A 199 -22.20 -10.50 9.77
CA LEU A 199 -22.73 -9.28 10.41
C LEU A 199 -23.63 -8.49 9.46
N ILE A 200 -23.22 -8.40 8.20
CA ILE A 200 -23.97 -7.72 7.14
C ILE A 200 -25.28 -8.45 6.80
N LYS A 201 -25.18 -9.75 6.54
N LYS A 201 -25.18 -9.77 6.56
CA LYS A 201 -26.33 -10.63 6.26
CA LYS A 201 -26.36 -10.59 6.23
C LYS A 201 -27.42 -10.61 7.35
C LYS A 201 -27.43 -10.65 7.35
N ASN A 202 -26.99 -10.59 8.61
CA ASN A 202 -27.89 -10.49 9.79
C ASN A 202 -28.32 -9.05 10.17
N LYS A 203 -27.94 -8.05 9.36
CA LYS A 203 -28.37 -6.64 9.45
C LYS A 203 -27.79 -5.91 10.67
N HIS A 204 -26.65 -6.40 11.16
CA HIS A 204 -25.88 -5.72 12.21
C HIS A 204 -24.99 -4.63 11.62
N MET A 205 -24.59 -4.80 10.35
CA MET A 205 -23.93 -3.75 9.58
C MET A 205 -24.53 -3.65 8.17
N ASN A 206 -24.17 -2.58 7.47
CA ASN A 206 -24.63 -2.27 6.11
C ASN A 206 -23.39 -2.18 5.22
N ALA A 207 -23.39 -2.95 4.14
CA ALA A 207 -22.24 -3.01 3.20
C ALA A 207 -21.84 -1.65 2.59
N ASP A 208 -22.82 -0.74 2.46
CA ASP A 208 -22.58 0.63 1.93
C ASP A 208 -21.96 1.64 2.92
N THR A 209 -21.80 1.28 4.19
CA THR A 209 -21.22 2.19 5.18
C THR A 209 -19.77 2.55 4.83
N ASP A 210 -19.53 3.85 4.76
CA ASP A 210 -18.25 4.45 4.42
C ASP A 210 -17.73 5.31 5.58
N TYR A 211 -16.65 6.04 5.34
CA TYR A 211 -16.03 6.85 6.39
C TYR A 211 -17.00 7.89 6.95
N SER A 212 -17.60 8.69 6.05
N SER A 212 -17.60 8.68 6.05
CA SER A 212 -18.50 9.79 6.42
CA SER A 212 -18.49 9.78 6.43
C SER A 212 -19.75 9.34 7.17
C SER A 212 -19.75 9.34 7.17
N ILE A 213 -20.40 8.28 6.66
CA ILE A 213 -21.61 7.68 7.27
C ILE A 213 -21.37 7.17 8.70
N ALA A 214 -20.28 6.42 8.90
CA ALA A 214 -19.89 5.91 10.22
C ALA A 214 -19.52 7.03 11.21
N GLU A 215 -18.80 8.05 10.73
CA GLU A 215 -18.40 9.20 11.57
C GLU A 215 -19.62 9.97 12.06
N ALA A 216 -20.51 10.31 11.14
CA ALA A 216 -21.76 11.01 11.44
C ALA A 216 -22.64 10.23 12.41
N ALA A 217 -22.75 8.92 12.20
CA ALA A 217 -23.57 8.06 13.05
C ALA A 217 -23.01 7.98 14.48
N PHE A 218 -21.70 7.81 14.62
CA PHE A 218 -21.08 7.82 15.97
C PHE A 218 -21.17 9.18 16.66
N ASN A 219 -20.81 10.23 15.93
CA ASN A 219 -20.78 11.59 16.48
C ASN A 219 -22.17 12.19 16.76
N LYS A 220 -23.23 11.66 16.12
CA LYS A 220 -24.63 11.98 16.49
C LYS A 220 -25.24 11.09 17.61
N GLY A 221 -24.48 10.11 18.12
CA GLY A 221 -24.99 9.21 19.17
C GLY A 221 -25.91 8.08 18.71
N GLU A 222 -25.93 7.80 17.41
CA GLU A 222 -26.80 6.74 16.83
C GLU A 222 -26.23 5.33 16.93
N THR A 223 -24.91 5.21 16.85
CA THR A 223 -24.20 3.93 17.01
C THR A 223 -23.28 3.95 18.21
N ALA A 224 -23.20 2.84 18.92
CA ALA A 224 -22.43 2.76 20.16
C ALA A 224 -20.93 2.67 19.98
N MET A 225 -20.47 2.19 18.82
CA MET A 225 -19.04 1.95 18.54
C MET A 225 -18.66 2.29 17.11
N THR A 226 -17.39 2.67 16.96
CA THR A 226 -16.73 2.78 15.66
C THR A 226 -15.29 2.27 15.78
N ILE A 227 -14.61 2.21 14.63
CA ILE A 227 -13.20 1.81 14.52
C ILE A 227 -12.55 2.92 13.73
N ASN A 228 -11.57 3.59 14.34
CA ASN A 228 -10.88 4.68 13.66
C ASN A 228 -9.55 4.99 14.32
N GLY A 229 -8.80 5.89 13.70
CA GLY A 229 -7.50 6.31 14.18
C GLY A 229 -7.54 7.63 14.91
N PRO A 230 -6.38 8.08 15.46
CA PRO A 230 -6.30 9.34 16.22
C PRO A 230 -6.86 10.61 15.57
N TRP A 231 -6.65 10.74 14.26
CA TRP A 231 -7.21 11.83 13.43
C TRP A 231 -8.73 12.10 13.64
N ALA A 232 -9.49 11.03 13.91
CA ALA A 232 -10.93 11.12 14.16
C ALA A 232 -11.34 11.79 15.46
N TRP A 233 -10.44 11.85 16.44
CA TRP A 233 -10.80 12.27 17.80
C TRP A 233 -11.28 13.71 17.92
N SER A 234 -10.73 14.60 17.10
N SER A 234 -10.73 14.60 17.09
CA SER A 234 -11.09 16.02 17.02
CA SER A 234 -11.08 16.02 17.05
C SER A 234 -12.57 16.29 16.78
C SER A 234 -12.56 16.30 16.77
N ASN A 235 -13.12 15.61 15.77
CA ASN A 235 -14.56 15.72 15.46
C ASN A 235 -15.45 15.09 16.55
N ILE A 236 -14.95 14.07 17.25
CA ILE A 236 -15.68 13.47 18.38
C ILE A 236 -15.68 14.41 19.59
N ASP A 237 -14.53 15.02 19.90
CA ASP A 237 -14.45 16.09 20.92
C ASP A 237 -15.49 17.19 20.69
N THR A 238 -15.57 17.66 19.44
CA THR A 238 -16.56 18.67 19.01
C THR A 238 -18.02 18.25 19.23
N SER A 239 -18.32 17.00 18.91
CA SER A 239 -19.66 16.42 19.11
C SER A 239 -20.10 16.28 20.57
N LYS A 240 -19.14 16.26 21.51
CA LYS A 240 -19.36 16.17 22.95
C LYS A 240 -19.91 14.80 23.40
N VAL A 241 -19.71 13.76 22.56
CA VAL A 241 -20.01 12.38 22.92
C VAL A 241 -19.03 11.99 24.03
N ASN A 242 -19.52 11.26 25.03
CA ASN A 242 -18.70 10.76 26.13
C ASN A 242 -18.05 9.45 25.65
N TYR A 243 -16.88 9.59 25.02
CA TYR A 243 -16.24 8.48 24.30
C TYR A 243 -15.03 7.95 25.04
N GLY A 244 -14.76 6.67 24.78
CA GLY A 244 -13.55 6.01 25.22
C GLY A 244 -12.86 5.42 24.00
N VAL A 245 -11.55 5.23 24.11
CA VAL A 245 -10.71 4.63 23.08
C VAL A 245 -10.07 3.42 23.75
N THR A 246 -10.23 2.23 23.15
CA THR A 246 -9.78 1.00 23.81
C THR A 246 -9.28 -0.05 22.84
N VAL A 247 -8.83 -1.17 23.40
CA VAL A 247 -8.36 -2.32 22.64
C VAL A 247 -9.49 -2.85 21.74
N LEU A 248 -9.13 -3.20 20.51
CA LEU A 248 -10.06 -3.80 19.57
C LEU A 248 -10.57 -5.15 20.12
N PRO A 249 -11.78 -5.58 19.73
CA PRO A 249 -12.27 -6.88 20.23
C PRO A 249 -11.47 -8.07 19.68
N THR A 250 -11.46 -9.17 20.43
CA THR A 250 -10.83 -10.40 19.97
C THR A 250 -11.75 -11.15 19.01
N PHE A 251 -11.13 -11.95 18.14
CA PHE A 251 -11.84 -12.88 17.27
C PHE A 251 -11.24 -14.26 17.46
N LYS A 252 -12.11 -15.23 17.72
CA LYS A 252 -11.74 -16.60 18.08
C LYS A 252 -10.65 -16.66 19.18
N GLY A 253 -10.80 -15.80 20.18
CA GLY A 253 -9.85 -15.67 21.28
C GLY A 253 -8.56 -14.91 21.04
N GLN A 254 -8.35 -14.41 19.82
CA GLN A 254 -7.07 -13.84 19.38
C GLN A 254 -7.24 -12.34 19.14
N PRO A 255 -6.20 -11.53 19.41
CA PRO A 255 -6.34 -10.09 19.20
C PRO A 255 -6.60 -9.70 17.74
N SER A 256 -7.41 -8.66 17.53
CA SER A 256 -7.46 -7.99 16.23
C SER A 256 -6.08 -7.37 15.96
N LYS A 257 -5.60 -7.50 14.72
CA LYS A 257 -4.21 -7.15 14.37
C LYS A 257 -4.23 -6.00 13.35
N PRO A 258 -4.35 -4.74 13.82
CA PRO A 258 -4.30 -3.63 12.86
C PRO A 258 -2.95 -3.51 12.17
N PHE A 259 -2.98 -3.10 10.90
CA PHE A 259 -1.76 -2.76 10.17
C PHE A 259 -1.35 -1.36 10.59
N VAL A 260 -0.15 -1.24 11.14
CA VAL A 260 0.34 0.00 11.79
C VAL A 260 1.05 0.82 10.71
N GLY A 261 0.65 2.09 10.61
CA GLY A 261 1.26 3.06 9.71
C GLY A 261 2.05 4.10 10.48
N VAL A 262 3.04 4.66 9.80
CA VAL A 262 3.90 5.72 10.27
C VAL A 262 3.66 6.80 9.24
N LEU A 263 2.92 7.84 9.63
CA LEU A 263 2.75 9.01 8.79
C LEU A 263 4.16 9.56 8.54
N SER A 264 4.47 9.79 7.26
CA SER A 264 5.84 10.06 6.80
C SER A 264 5.81 11.14 5.73
N ALA A 265 6.87 11.96 5.69
CA ALA A 265 7.00 13.06 4.73
C ALA A 265 8.21 12.80 3.80
N GLY A 266 7.91 12.57 2.52
CA GLY A 266 8.92 12.35 1.47
C GLY A 266 9.09 13.58 0.60
N ILE A 267 10.30 13.75 0.08
CA ILE A 267 10.66 14.87 -0.77
C ILE A 267 10.74 14.34 -2.21
N ASN A 268 10.00 15.01 -3.10
CA ASN A 268 9.97 14.68 -4.53
C ASN A 268 11.38 14.82 -5.15
N ALA A 269 11.81 13.76 -5.83
CA ALA A 269 13.11 13.72 -6.55
C ALA A 269 13.27 14.84 -7.60
N ALA A 270 12.17 15.27 -8.21
CA ALA A 270 12.15 16.41 -9.16
C ALA A 270 12.06 17.80 -8.52
N SER A 271 12.03 17.92 -7.19
CA SER A 271 11.90 19.23 -6.54
C SER A 271 13.22 19.99 -6.71
N PRO A 272 13.16 21.26 -7.18
CA PRO A 272 14.32 22.14 -7.06
C PRO A 272 14.41 22.87 -5.70
N ASN A 273 13.59 22.48 -4.71
CA ASN A 273 13.54 23.09 -3.39
C ASN A 273 13.86 22.08 -2.28
N LYS A 274 14.75 21.13 -2.55
CA LYS A 274 15.06 20.06 -1.57
C LYS A 274 15.64 20.59 -0.25
N GLU A 275 16.50 21.61 -0.33
CA GLU A 275 17.08 22.24 0.86
C GLU A 275 16.03 23.00 1.69
N LEU A 276 15.11 23.71 1.04
CA LEU A 276 13.96 24.33 1.73
C LEU A 276 13.05 23.27 2.40
N ALA A 277 12.77 22.18 1.69
CA ALA A 277 11.96 21.05 2.23
C ALA A 277 12.56 20.40 3.47
N LYS A 278 13.86 20.09 3.42
N LYS A 278 13.86 20.09 3.41
CA LYS A 278 14.60 19.55 4.56
CA LYS A 278 14.63 19.57 4.54
C LYS A 278 14.64 20.49 5.77
C LYS A 278 14.61 20.50 5.77
N GLU A 279 14.85 21.78 5.50
CA GLU A 279 14.79 22.85 6.53
C GLU A 279 13.39 22.94 7.17
N PHE A 280 12.36 22.91 6.34
CA PHE A 280 10.96 22.93 6.81
C PHE A 280 10.65 21.71 7.67
N LEU A 281 10.99 20.52 7.17
CA LEU A 281 10.64 19.28 7.86
C LEU A 281 11.44 19.09 9.18
N GLU A 282 12.74 19.39 9.17
CA GLU A 282 13.59 19.17 10.36
C GLU A 282 13.47 20.24 11.44
N ASN A 283 13.49 21.51 11.04
CA ASN A 283 13.56 22.64 11.98
C ASN A 283 12.26 23.43 12.22
N TYR A 284 11.19 23.09 11.52
CA TYR A 284 9.87 23.68 11.75
C TYR A 284 8.84 22.63 12.16
N LEU A 285 8.62 21.61 11.32
CA LEU A 285 7.60 20.57 11.59
C LEU A 285 7.98 19.64 12.72
N LEU A 286 9.14 18.99 12.61
CA LEU A 286 9.60 18.01 13.61
C LEU A 286 10.26 18.67 14.82
N THR A 287 9.46 19.52 15.47
CA THR A 287 9.78 20.24 16.68
C THR A 287 8.54 20.10 17.57
N ASP A 288 8.73 20.27 18.87
CA ASP A 288 7.59 20.27 19.82
C ASP A 288 6.47 21.21 19.33
N GLU A 289 6.84 22.44 18.94
N GLU A 289 6.84 22.44 18.96
CA GLU A 289 5.89 23.47 18.51
CA GLU A 289 5.91 23.47 18.49
C GLU A 289 5.23 23.17 17.15
C GLU A 289 5.22 23.14 17.16
N GLY A 290 5.97 22.57 16.22
CA GLY A 290 5.44 22.18 14.91
C GLY A 290 4.44 21.05 14.98
N LEU A 291 4.79 20.02 15.76
CA LEU A 291 3.90 18.86 15.96
C LEU A 291 2.66 19.19 16.78
N GLU A 292 2.81 20.07 17.78
CA GLU A 292 1.67 20.59 18.53
C GLU A 292 0.62 21.30 17.64
N ALA A 293 1.07 22.17 16.75
CA ALA A 293 0.19 22.89 15.81
C ALA A 293 -0.65 21.92 14.94
N VAL A 294 -0.01 20.88 14.39
CA VAL A 294 -0.71 19.83 13.62
C VAL A 294 -1.63 19.01 14.55
N ASN A 295 -1.07 18.54 15.66
CA ASN A 295 -1.81 17.71 16.64
C ASN A 295 -3.09 18.39 17.19
N LYS A 296 -3.03 19.71 17.44
CA LYS A 296 -4.21 20.50 17.85
C LYS A 296 -5.32 20.58 16.79
N ASP A 297 -4.97 20.54 15.51
CA ASP A 297 -5.95 20.45 14.42
C ASP A 297 -6.61 19.06 14.38
N LYS A 298 -5.82 18.02 14.06
CA LYS A 298 -6.27 16.62 14.11
C LYS A 298 -5.14 15.82 14.77
N PRO A 299 -5.43 15.01 15.83
CA PRO A 299 -4.34 14.32 16.51
C PRO A 299 -3.57 13.36 15.62
N LEU A 300 -2.24 13.37 15.80
CA LEU A 300 -1.31 12.60 14.99
C LEU A 300 -1.14 11.13 15.44
N GLY A 301 -1.47 10.83 16.69
CA GLY A 301 -1.16 9.56 17.32
C GLY A 301 0.10 9.67 18.18
N ALA A 302 0.91 8.62 18.15
CA ALA A 302 2.13 8.54 18.95
C ALA A 302 3.27 9.10 18.10
N VAL A 303 3.60 10.37 18.35
CA VAL A 303 4.58 11.07 17.51
C VAL A 303 5.99 10.45 17.54
N ALA A 304 6.68 10.59 16.41
CA ALA A 304 8.03 10.06 16.23
C ALA A 304 9.06 10.80 17.08
N LEU A 305 8.80 12.09 17.35
CA LEU A 305 9.72 12.96 18.10
C LEU A 305 9.65 12.62 19.58
N LYS A 306 10.77 12.11 20.12
CA LYS A 306 10.87 11.61 21.50
C LYS A 306 10.43 12.62 22.55
N SER A 307 10.86 13.88 22.40
CA SER A 307 10.53 14.96 23.34
C SER A 307 9.02 15.22 23.43
N TYR A 308 8.35 15.41 22.29
CA TYR A 308 6.90 15.65 22.28
C TYR A 308 6.07 14.41 22.63
N GLU A 309 6.53 13.22 22.22
CA GLU A 309 5.86 11.97 22.59
C GLU A 309 5.77 11.69 24.10
N GLU A 310 6.79 12.07 24.86
CA GLU A 310 6.76 11.98 26.35
C GLU A 310 5.62 12.80 26.99
N GLU A 311 5.37 13.99 26.42
CA GLU A 311 4.26 14.87 26.83
C GLU A 311 2.88 14.24 26.53
N LEU A 312 2.71 13.73 25.31
CA LEU A 312 1.47 13.06 24.88
C LEU A 312 1.27 11.62 25.41
N ALA A 313 2.34 10.96 25.87
CA ALA A 313 2.30 9.57 26.39
C ALA A 313 1.29 9.34 27.52
N LYS A 314 1.11 10.34 28.38
CA LYS A 314 0.14 10.33 29.48
C LYS A 314 -1.35 10.23 29.07
N ASP A 315 -1.67 10.58 27.82
CA ASP A 315 -3.02 10.49 27.27
C ASP A 315 -3.48 9.02 27.14
N PRO A 316 -4.57 8.60 27.83
CA PRO A 316 -5.05 7.20 27.70
C PRO A 316 -5.50 6.75 26.31
N ARG A 317 -5.90 7.70 25.48
CA ARG A 317 -6.24 7.44 24.08
C ARG A 317 -5.00 6.99 23.27
N ILE A 318 -3.85 7.62 23.55
CA ILE A 318 -2.56 7.27 22.93
C ILE A 318 -2.05 5.92 23.46
N ALA A 319 -2.22 5.68 24.77
CA ALA A 319 -1.87 4.39 25.39
C ALA A 319 -2.64 3.26 24.75
N ALA A 320 -3.93 3.49 24.54
CA ALA A 320 -4.80 2.56 23.81
C ALA A 320 -4.40 2.37 22.32
N THR A 321 -3.99 3.47 21.67
CA THR A 321 -3.43 3.41 20.29
C THR A 321 -2.22 2.47 20.21
N MET A 322 -1.29 2.63 21.14
CA MET A 322 -0.06 1.82 21.18
C MET A 322 -0.28 0.37 21.62
N GLU A 323 -1.25 0.13 22.49
CA GLU A 323 -1.70 -1.23 22.82
C GLU A 323 -2.15 -1.99 21.56
N ASN A 324 -3.00 -1.36 20.75
CA ASN A 324 -3.45 -1.94 19.47
C ASN A 324 -2.32 -2.07 18.44
N ALA A 325 -1.44 -1.08 18.39
CA ALA A 325 -0.25 -1.13 17.52
C ALA A 325 0.65 -2.34 17.84
N GLN A 326 0.93 -2.55 19.12
N GLN A 326 0.94 -2.55 19.13
CA GLN A 326 1.74 -3.69 19.58
CA GLN A 326 1.75 -3.68 19.58
C GLN A 326 1.12 -5.06 19.31
C GLN A 326 1.12 -5.06 19.29
N LYS A 327 -0.20 -5.16 19.37
CA LYS A 327 -0.95 -6.38 18.96
C LYS A 327 -0.97 -6.59 17.46
N GLY A 328 -0.89 -5.49 16.71
CA GLY A 328 -0.82 -5.53 15.26
C GLY A 328 0.60 -5.70 14.74
N GLU A 329 0.80 -5.25 13.50
CA GLU A 329 2.10 -5.33 12.85
C GLU A 329 2.35 -4.11 11.94
N ILE A 330 3.61 -3.69 11.89
CA ILE A 330 4.04 -2.60 11.02
C ILE A 330 3.86 -3.02 9.56
N MET A 331 3.24 -2.15 8.77
CA MET A 331 3.05 -2.42 7.35
C MET A 331 4.40 -2.60 6.65
N PRO A 332 4.46 -3.53 5.68
CA PRO A 332 5.60 -3.47 4.76
C PRO A 332 5.61 -2.17 3.92
N ASN A 333 6.78 -1.78 3.43
CA ASN A 333 6.92 -0.73 2.41
C ASN A 333 7.35 -1.29 1.06
N ILE A 334 7.22 -2.59 0.85
CA ILE A 334 7.62 -3.22 -0.44
C ILE A 334 6.72 -2.67 -1.57
N PRO A 335 7.26 -2.53 -2.81
CA PRO A 335 6.47 -1.95 -3.94
C PRO A 335 5.10 -2.61 -4.24
N GLN A 336 4.93 -3.87 -3.83
CA GLN A 336 3.72 -4.66 -4.07
C GLN A 336 2.55 -4.32 -3.13
N MET A 337 2.80 -3.55 -2.07
CA MET A 337 1.73 -3.15 -1.12
C MET A 337 0.51 -2.49 -1.76
N SER A 338 0.74 -1.63 -2.75
CA SER A 338 -0.34 -1.00 -3.52
C SER A 338 -1.24 -2.04 -4.21
N ALA A 339 -0.63 -3.06 -4.82
CA ALA A 339 -1.38 -4.17 -5.43
C ALA A 339 -2.14 -5.02 -4.41
N PHE A 340 -1.49 -5.29 -3.28
CA PHE A 340 -2.11 -5.98 -2.15
C PHE A 340 -3.38 -5.25 -1.67
N TRP A 341 -3.23 -3.94 -1.45
CA TRP A 341 -4.35 -3.12 -0.99
C TRP A 341 -5.50 -3.02 -2.00
N TYR A 342 -5.16 -2.85 -3.28
CA TYR A 342 -6.18 -2.89 -4.34
C TYR A 342 -6.96 -4.23 -4.37
N ALA A 343 -6.21 -5.33 -4.28
CA ALA A 343 -6.78 -6.67 -4.28
C ALA A 343 -7.72 -6.93 -3.10
N VAL A 344 -7.28 -6.59 -1.89
CA VAL A 344 -8.11 -6.82 -0.66
C VAL A 344 -9.33 -5.86 -0.61
N ARG A 345 -9.16 -4.60 -1.00
CA ARG A 345 -10.29 -3.64 -1.07
C ARG A 345 -11.41 -4.22 -1.93
N THR A 346 -11.05 -4.71 -3.12
CA THR A 346 -12.04 -5.30 -4.05
C THR A 346 -12.69 -6.53 -3.39
N ALA A 347 -11.89 -7.37 -2.75
CA ALA A 347 -12.41 -8.59 -2.11
C ALA A 347 -13.40 -8.30 -0.97
N VAL A 348 -13.09 -7.31 -0.14
CA VAL A 348 -13.97 -6.94 0.97
C VAL A 348 -15.29 -6.37 0.42
N ILE A 349 -15.20 -5.46 -0.54
CA ILE A 349 -16.37 -4.82 -1.16
C ILE A 349 -17.31 -5.83 -1.85
N ASN A 350 -16.74 -6.72 -2.66
CA ASN A 350 -17.52 -7.75 -3.35
C ASN A 350 -18.12 -8.80 -2.42
N ALA A 351 -17.36 -9.20 -1.39
CA ALA A 351 -17.89 -10.12 -0.37
C ALA A 351 -19.03 -9.48 0.44
N ALA A 352 -18.80 -8.23 0.86
CA ALA A 352 -19.80 -7.43 1.59
C ALA A 352 -21.12 -7.19 0.83
N SER A 353 -21.03 -6.92 -0.48
CA SER A 353 -22.18 -6.65 -1.37
C SER A 353 -22.83 -7.95 -1.90
N GLY A 354 -22.18 -9.10 -1.74
CA GLY A 354 -22.69 -10.37 -2.29
C GLY A 354 -22.33 -10.58 -3.76
N ARG A 355 -21.53 -9.71 -4.37
CA ARG A 355 -21.09 -9.86 -5.78
C ARG A 355 -20.29 -11.15 -5.87
N GLN A 356 -19.47 -11.42 -4.87
CA GLN A 356 -18.73 -12.70 -4.82
C GLN A 356 -18.88 -13.34 -3.46
N THR A 357 -18.74 -14.64 -3.39
CA THR A 357 -18.62 -15.33 -2.11
C THR A 357 -17.28 -14.97 -1.46
N VAL A 358 -17.17 -15.27 -0.17
CA VAL A 358 -15.90 -15.05 0.57
C VAL A 358 -14.74 -15.82 -0.09
N ASP A 359 -14.98 -17.08 -0.46
CA ASP A 359 -13.98 -17.94 -1.13
C ASP A 359 -13.53 -17.36 -2.47
N GLU A 360 -14.51 -17.03 -3.32
CA GLU A 360 -14.27 -16.38 -4.63
C GLU A 360 -13.51 -15.05 -4.47
N ALA A 361 -13.90 -14.25 -3.48
CA ALA A 361 -13.31 -12.93 -3.29
C ALA A 361 -11.85 -13.00 -2.85
N LEU A 362 -11.56 -13.84 -1.86
CA LEU A 362 -10.20 -14.01 -1.35
C LEU A 362 -9.29 -14.79 -2.30
N LYS A 363 -9.85 -15.73 -3.07
CA LYS A 363 -9.14 -16.36 -4.21
C LYS A 363 -8.56 -15.31 -5.17
N ASP A 364 -9.42 -14.42 -5.67
CA ASP A 364 -9.02 -13.32 -6.55
C ASP A 364 -8.00 -12.38 -5.90
N ALA A 365 -8.21 -12.06 -4.62
CA ALA A 365 -7.25 -11.23 -3.87
C ALA A 365 -5.87 -11.87 -3.73
N GLN A 366 -5.83 -13.19 -3.54
CA GLN A 366 -4.59 -13.95 -3.45
C GLN A 366 -3.81 -13.88 -4.78
N THR A 367 -4.52 -14.17 -5.88
CA THR A 367 -3.99 -14.04 -7.25
C THR A 367 -3.46 -12.64 -7.54
N GLY A 368 -4.26 -11.63 -7.19
CA GLY A 368 -3.84 -10.22 -7.34
C GLY A 368 -2.57 -9.87 -6.56
N SER A 369 -2.54 -10.31 -5.32
CA SER A 369 -1.39 -10.04 -4.44
C SER A 369 -0.13 -10.83 -4.82
N GLU A 370 -0.31 -12.05 -5.36
CA GLU A 370 0.80 -12.87 -5.90
C GLU A 370 1.32 -12.49 -7.30
N LEU A 371 0.56 -11.70 -8.05
CA LEU A 371 0.76 -11.53 -9.51
C LEU A 371 2.14 -11.04 -9.92
N TYR A 372 2.65 -10.00 -9.24
CA TYR A 372 3.97 -9.46 -9.60
C TYR A 372 5.09 -10.50 -9.42
N ARG A 373 5.16 -11.13 -8.25
CA ARG A 373 6.25 -12.06 -7.94
C ARG A 373 6.22 -13.32 -8.82
N GLN A 374 5.02 -13.86 -9.05
CA GLN A 374 4.88 -15.02 -9.94
C GLN A 374 5.21 -14.67 -11.39
N SER A 375 4.75 -13.52 -11.87
CA SER A 375 5.06 -13.05 -13.23
C SER A 375 6.56 -12.84 -13.43
N LEU A 376 7.21 -12.20 -12.44
CA LEU A 376 8.67 -12.01 -12.47
C LEU A 376 9.43 -13.33 -12.51
N GLU A 377 9.04 -14.28 -11.64
CA GLU A 377 9.67 -15.60 -11.59
C GLU A 377 9.71 -16.30 -12.97
N ILE A 378 8.58 -16.25 -13.67
CA ILE A 378 8.43 -16.86 -14.98
C ILE A 378 9.23 -16.12 -16.05
N ILE A 379 9.04 -14.80 -16.10
CA ILE A 379 9.65 -13.94 -17.10
C ILE A 379 11.18 -13.90 -16.96
N SER A 380 11.68 -13.79 -15.74
CA SER A 380 13.14 -13.75 -15.49
C SER A 380 13.80 -15.06 -15.91
N ARG A 381 13.16 -16.18 -15.55
CA ARG A 381 13.71 -17.52 -15.86
C ARG A 381 13.76 -17.72 -17.38
N TYR A 382 12.69 -17.36 -18.09
CA TYR A 382 12.68 -17.48 -19.56
C TYR A 382 13.78 -16.61 -20.19
N LEU A 383 13.79 -15.32 -19.86
CA LEU A 383 14.86 -14.43 -20.38
C LEU A 383 16.28 -14.97 -20.12
N ARG A 384 16.55 -15.39 -18.89
CA ARG A 384 17.87 -15.89 -18.50
C ARG A 384 18.31 -17.22 -19.13
N GLU A 385 17.37 -18.17 -19.27
CA GLU A 385 17.66 -19.46 -19.92
C GLU A 385 17.82 -19.32 -21.45
N GLN A 386 17.04 -18.43 -22.06
CA GLN A 386 17.16 -18.10 -23.47
C GLN A 386 18.52 -17.48 -23.80
N ALA A 387 18.96 -16.54 -22.96
CA ALA A 387 20.26 -15.88 -23.10
C ALA A 387 21.45 -16.81 -22.91
N THR A 388 21.43 -17.62 -21.85
CA THR A 388 22.57 -18.49 -21.48
C THR A 388 22.55 -19.91 -22.09
N GLY A 389 21.38 -20.38 -22.52
CA GLY A 389 21.21 -21.77 -22.98
C GLY A 389 20.97 -22.82 -21.90
N ALA A 390 21.05 -22.44 -20.62
CA ALA A 390 20.89 -23.36 -19.48
C ALA A 390 19.82 -22.81 -18.54
N ALA A 391 18.99 -23.70 -17.99
CA ALA A 391 17.86 -23.31 -17.14
C ALA A 391 18.27 -23.10 -15.68
N ASP A 392 17.40 -22.41 -14.94
CA ASP A 392 17.58 -22.15 -13.51
C ASP A 392 17.29 -23.42 -12.73
N THR A 393 18.26 -23.87 -11.95
CA THR A 393 18.10 -25.03 -11.06
C THR A 393 17.29 -24.74 -9.78
N ALA A 394 17.18 -23.47 -9.38
CA ALA A 394 16.51 -23.08 -8.12
C ALA A 394 15.06 -23.58 -8.05
N PRO A 395 14.62 -24.08 -6.86
CA PRO A 395 13.20 -24.41 -6.65
C PRO A 395 12.25 -23.26 -7.00
N MET A 396 11.13 -23.61 -7.61
CA MET A 396 10.18 -22.63 -8.10
C MET A 396 9.44 -21.90 -6.97
N GLY A 397 9.29 -22.55 -5.81
CA GLY A 397 8.71 -21.93 -4.62
C GLY A 397 7.20 -22.04 -4.61
N ALA A 398 6.54 -21.05 -3.98
CA ALA A 398 5.07 -20.99 -3.84
C ALA A 398 4.35 -20.91 -5.18
N SER A 399 3.22 -21.63 -5.29
CA SER A 399 2.51 -21.87 -6.56
C SER A 399 3.45 -22.38 -7.68
N GLY A 400 4.32 -23.32 -7.30
CA GLY A 400 5.43 -23.77 -8.13
C GLY A 400 5.02 -24.58 -9.34
N ALA A 401 3.93 -25.34 -9.21
CA ALA A 401 3.32 -26.08 -10.32
C ALA A 401 2.87 -25.15 -11.45
N THR A 402 2.16 -24.07 -11.09
CA THR A 402 1.73 -23.03 -12.03
C THR A 402 2.90 -22.36 -12.75
N SER A 403 3.88 -21.90 -11.98
CA SER A 403 5.11 -21.27 -12.51
C SER A 403 5.89 -22.20 -13.44
N ARG A 404 6.06 -23.47 -13.03
CA ARG A 404 6.70 -24.52 -13.83
C ARG A 404 5.96 -24.76 -15.15
N LYS A 405 4.64 -24.94 -15.06
CA LYS A 405 3.79 -25.19 -16.25
C LYS A 405 3.68 -23.98 -17.17
N ALA A 406 3.61 -22.77 -16.60
CA ALA A 406 3.63 -21.53 -17.39
C ALA A 406 4.94 -21.37 -18.15
N LEU A 407 6.06 -21.63 -17.47
CA LEU A 407 7.39 -21.58 -18.12
C LEU A 407 7.50 -22.60 -19.26
N GLU A 408 7.04 -23.83 -19.03
CA GLU A 408 7.00 -24.87 -20.08
C GLU A 408 6.12 -24.48 -21.28
N THR A 409 4.96 -23.88 -20.99
CA THR A 409 4.06 -23.34 -22.02
C THR A 409 4.73 -22.21 -22.79
N LEU A 410 5.37 -21.29 -22.06
CA LEU A 410 6.08 -20.16 -22.65
C LEU A 410 7.27 -20.60 -23.51
N ARG A 411 7.98 -21.66 -23.11
CA ARG A 411 9.04 -22.25 -23.96
C ARG A 411 8.50 -22.75 -25.29
N ARG A 412 7.36 -23.45 -25.26
CA ARG A 412 6.71 -23.93 -26.47
C ARG A 412 6.24 -22.77 -27.38
N VAL A 413 5.36 -21.93 -26.85
N VAL A 413 5.34 -21.93 -26.86
CA VAL A 413 4.72 -20.87 -27.62
CA VAL A 413 4.72 -20.87 -27.67
C VAL A 413 5.65 -19.69 -27.95
C VAL A 413 5.64 -19.67 -27.95
N GLY A 414 6.52 -19.34 -26.99
CA GLY A 414 7.49 -18.25 -27.15
C GLY A 414 8.60 -18.53 -28.16
N ASP A 415 9.11 -19.76 -28.18
CA ASP A 415 10.10 -20.17 -29.18
C ASP A 415 9.52 -20.21 -30.61
N GLY A 416 8.28 -20.67 -30.74
CA GLY A 416 7.49 -20.54 -31.98
C GLY A 416 7.37 -19.11 -32.51
N VAL A 417 7.05 -18.18 -31.61
CA VAL A 417 6.97 -16.74 -31.97
C VAL A 417 8.33 -16.19 -32.43
N GLN A 418 9.39 -16.46 -31.67
CA GLN A 418 10.76 -16.04 -32.03
C GLN A 418 11.25 -16.59 -33.39
N ARG A 419 10.92 -17.84 -33.69
N ARG A 419 10.92 -17.85 -33.68
CA ARG A 419 11.28 -18.48 -34.95
CA ARG A 419 11.27 -18.49 -34.95
C ARG A 419 10.52 -17.88 -36.13
C ARG A 419 10.52 -17.88 -36.13
N ASN A 420 9.19 -17.91 -36.05
CA ASN A 420 8.31 -17.40 -37.13
C ASN A 420 8.44 -15.88 -37.39
N HIS A 421 8.61 -15.08 -36.33
CA HIS A 421 8.78 -13.62 -36.43
C HIS A 421 10.24 -13.15 -36.28
N GLU A 422 11.21 -13.97 -36.72
CA GLU A 422 12.64 -13.65 -36.59
C GLU A 422 13.04 -12.37 -37.34
N THR A 423 12.49 -12.18 -38.55
CA THR A 423 12.69 -10.96 -39.35
C THR A 423 12.27 -9.69 -38.61
N ALA A 424 11.02 -9.63 -38.18
CA ALA A 424 10.50 -8.46 -37.43
C ALA A 424 11.27 -8.19 -36.14
N PHE A 425 11.57 -9.27 -35.41
CA PHE A 425 12.33 -9.24 -34.16
C PHE A 425 13.73 -8.64 -34.39
N GLN A 426 14.42 -9.13 -35.42
CA GLN A 426 15.71 -8.56 -35.85
C GLN A 426 15.64 -7.08 -36.26
N GLY A 427 14.60 -6.72 -37.01
CA GLY A 427 14.40 -5.34 -37.48
C GLY A 427 14.14 -4.35 -36.35
N MET A 428 13.25 -4.72 -35.43
CA MET A 428 12.95 -3.90 -34.25
C MET A 428 14.14 -3.78 -33.29
N LEU A 429 14.90 -4.87 -33.12
CA LEU A 429 16.14 -4.85 -32.32
C LEU A 429 17.15 -3.83 -32.84
N ARG A 430 17.44 -3.90 -34.15
CA ARG A 430 18.32 -2.93 -34.83
C ARG A 430 17.80 -1.49 -34.73
N LYS A 431 16.47 -1.30 -34.87
CA LYS A 431 15.80 0.01 -34.73
C LYS A 431 15.99 0.63 -33.33
N LEU A 432 15.85 -0.20 -32.30
CA LEU A 432 15.98 0.25 -30.90
C LEU A 432 17.42 0.54 -30.44
N ASP A 433 18.39 -0.20 -30.98
CA ASP A 433 19.84 0.05 -30.78
C ASP A 433 20.28 -0.04 -29.30
N ILE A 434 19.93 -1.17 -28.69
CA ILE A 434 20.13 -1.41 -27.24
C ILE A 434 21.59 -1.83 -27.01
N LYS A 435 22.27 -1.14 -26.10
CA LYS A 435 23.72 -1.34 -25.81
C LYS A 435 24.21 -1.24 -24.33
N ASN A 436 23.33 -0.88 -23.38
CA ASN A 436 23.71 -0.69 -21.96
C ASN A 436 22.48 -0.58 -21.06
N GLU A 437 22.69 -0.57 -19.74
CA GLU A 437 21.58 -0.44 -18.76
C GLU A 437 20.79 0.88 -18.85
N ASP A 438 21.40 1.96 -19.37
CA ASP A 438 20.69 3.23 -19.64
C ASP A 438 19.63 3.09 -20.74
N ASP A 439 19.98 2.42 -21.84
CA ASP A 439 19.05 2.13 -22.96
C ASP A 439 17.91 1.18 -22.57
N VAL A 440 18.21 0.18 -21.74
CA VAL A 440 17.20 -0.74 -21.17
C VAL A 440 16.12 0.01 -20.38
N LYS A 441 16.52 0.97 -19.54
CA LYS A 441 15.58 1.83 -18.79
C LYS A 441 14.62 2.62 -19.70
N SER A 442 15.12 3.12 -20.83
CA SER A 442 14.28 3.84 -21.80
C SER A 442 13.26 2.98 -22.57
N LEU A 443 13.43 1.64 -22.57
CA LEU A 443 12.47 0.73 -23.20
C LEU A 443 11.07 0.74 -22.58
N SER A 444 10.96 1.01 -21.27
CA SER A 444 9.67 1.04 -20.55
C SER A 444 8.56 1.86 -21.23
N ARG A 445 8.92 3.04 -21.74
CA ARG A 445 7.98 3.95 -22.41
C ARG A 445 7.49 3.43 -23.76
N VAL A 446 8.42 2.98 -24.60
CA VAL A 446 8.09 2.35 -25.90
C VAL A 446 7.33 1.02 -25.71
N MET A 447 7.75 0.25 -24.72
CA MET A 447 7.11 -1.01 -24.33
C MET A 447 5.65 -0.77 -23.93
N ILE A 448 5.40 0.19 -23.03
CA ILE A 448 4.03 0.53 -22.60
C ILE A 448 3.20 1.18 -23.73
N HIS A 449 3.83 1.98 -24.58
CA HIS A 449 3.18 2.55 -25.77
C HIS A 449 2.69 1.49 -26.77
N VAL A 450 3.56 0.55 -27.12
CA VAL A 450 3.25 -0.49 -28.12
C VAL A 450 2.37 -1.61 -27.51
N PHE A 451 2.72 -2.11 -26.33
CA PHE A 451 1.98 -3.22 -25.70
C PHE A 451 0.53 -2.82 -25.34
N SER A 452 0.34 -1.63 -24.76
CA SER A 452 -1.02 -1.14 -24.44
C SER A 452 -1.85 -0.65 -25.64
N ASP A 453 -1.21 -0.18 -26.72
CA ASP A 453 -1.91 0.24 -27.96
C ASP A 453 -2.27 -0.99 -28.82
N GLY A 454 -3.29 -1.71 -28.36
CA GLY A 454 -3.69 -2.99 -28.94
C GLY A 454 -4.59 -3.75 -27.97
N VAL A 455 -5.26 -4.79 -28.48
CA VAL A 455 -6.16 -5.63 -27.67
C VAL A 455 -5.41 -6.38 -26.55
N THR A 456 -6.15 -6.81 -25.53
CA THR A 456 -5.57 -7.61 -24.46
C THR A 456 -5.90 -9.05 -24.78
N ASN A 457 -4.85 -9.85 -24.96
CA ASN A 457 -4.96 -11.30 -25.12
C ASN A 457 -3.62 -11.94 -24.78
N TRP A 458 -3.62 -13.27 -24.61
CA TRP A 458 -2.40 -14.00 -24.26
C TRP A 458 -1.35 -13.98 -25.37
N GLY A 459 -1.77 -13.93 -26.64
CA GLY A 459 -0.85 -13.85 -27.78
C GLY A 459 0.03 -12.62 -27.75
N ARG A 460 -0.56 -11.47 -27.42
CA ARG A 460 0.20 -10.21 -27.28
C ARG A 460 1.15 -10.21 -26.06
N ILE A 461 0.76 -10.91 -24.99
CA ILE A 461 1.63 -11.11 -23.81
C ILE A 461 2.85 -11.97 -24.12
N VAL A 462 2.63 -13.04 -24.89
CA VAL A 462 3.73 -13.88 -25.41
C VAL A 462 4.70 -13.06 -26.26
N THR A 463 4.19 -12.18 -27.11
CA THR A 463 5.05 -11.29 -27.90
C THR A 463 5.91 -10.38 -27.02
N LEU A 464 5.28 -9.74 -26.03
CA LEU A 464 5.99 -8.88 -25.07
C LEU A 464 7.20 -9.60 -24.45
N ILE A 465 6.93 -10.80 -23.93
CA ILE A 465 7.91 -11.60 -23.22
C ILE A 465 8.94 -12.22 -24.17
N SER A 466 8.50 -12.73 -25.34
CA SER A 466 9.38 -13.36 -26.34
C SER A 466 10.37 -12.40 -26.98
N PHE A 467 9.90 -11.19 -27.28
CA PHE A 467 10.81 -10.12 -27.72
C PHE A 467 11.79 -9.74 -26.61
N GLY A 468 11.31 -9.74 -25.36
CA GLY A 468 12.17 -9.62 -24.19
C GLY A 468 13.31 -10.64 -24.16
N ALA A 469 12.96 -11.92 -24.35
CA ALA A 469 13.95 -13.00 -24.53
C ALA A 469 14.92 -12.75 -25.70
N PHE A 470 14.39 -12.23 -26.81
CA PHE A 470 15.20 -11.87 -27.98
C PHE A 470 16.22 -10.77 -27.66
N VAL A 471 15.79 -9.77 -26.88
CA VAL A 471 16.69 -8.70 -26.41
C VAL A 471 17.71 -9.24 -25.40
N ALA A 472 17.26 -10.14 -24.51
CA ALA A 472 18.12 -10.77 -23.51
C ALA A 472 19.28 -11.54 -24.15
N LYS A 473 18.98 -12.29 -25.21
CA LYS A 473 20.00 -12.98 -26.04
C LYS A 473 21.06 -12.04 -26.58
N HIS A 474 20.62 -10.90 -27.10
CA HIS A 474 21.51 -9.84 -27.59
C HIS A 474 22.39 -9.25 -26.48
N LEU A 475 21.78 -8.93 -25.33
CA LEU A 475 22.52 -8.40 -24.15
C LEU A 475 23.64 -9.32 -23.63
N LYS A 476 23.40 -10.63 -23.63
CA LYS A 476 24.42 -11.64 -23.32
C LYS A 476 25.61 -11.63 -24.31
N THR A 477 25.31 -11.55 -25.60
CA THR A 477 26.35 -11.58 -26.66
C THR A 477 27.24 -10.34 -26.69
N ILE A 478 26.68 -9.17 -26.34
CA ILE A 478 27.45 -7.92 -26.17
C ILE A 478 28.04 -7.68 -24.75
N ASN A 479 28.11 -8.74 -23.93
CA ASN A 479 28.64 -8.69 -22.56
C ASN A 479 27.92 -7.66 -21.67
N GLN A 480 26.59 -7.69 -21.74
CA GLN A 480 25.70 -6.86 -20.92
C GLN A 480 24.69 -7.75 -20.18
N GLU A 481 25.17 -8.89 -19.66
CA GLU A 481 24.30 -9.89 -19.01
C GLU A 481 23.68 -9.37 -17.69
N SER A 482 24.37 -8.45 -17.00
CA SER A 482 23.81 -7.78 -15.80
C SER A 482 22.57 -6.89 -16.05
N CYS A 483 22.31 -6.50 -17.31
CA CYS A 483 21.07 -5.84 -17.71
C CYS A 483 19.84 -6.74 -17.85
N ILE A 484 20.02 -8.06 -17.96
CA ILE A 484 18.89 -8.97 -18.21
C ILE A 484 17.86 -8.94 -17.06
N GLU A 485 18.34 -9.00 -15.82
CA GLU A 485 17.41 -8.96 -14.66
C GLU A 485 16.58 -7.65 -14.55
N PRO A 486 17.21 -6.45 -14.71
CA PRO A 486 16.42 -5.21 -14.82
C PRO A 486 15.43 -5.17 -15.99
N LEU A 487 15.78 -5.79 -17.10
CA LEU A 487 14.86 -5.94 -18.24
C LEU A 487 13.63 -6.76 -17.87
N ALA A 488 13.86 -7.91 -17.23
CA ALA A 488 12.79 -8.80 -16.75
C ALA A 488 11.83 -8.09 -15.80
N GLU A 489 12.40 -7.34 -14.85
CA GLU A 489 11.63 -6.51 -13.92
C GLU A 489 10.79 -5.43 -14.62
N SER A 490 11.38 -4.80 -15.64
CA SER A 490 10.68 -3.78 -16.44
C SER A 490 9.53 -4.36 -17.25
N ILE A 491 9.74 -5.51 -17.89
CA ILE A 491 8.67 -6.22 -18.62
C ILE A 491 7.53 -6.60 -17.66
N THR A 492 7.89 -7.19 -16.52
CA THR A 492 6.93 -7.61 -15.50
C THR A 492 6.10 -6.43 -14.97
N ASP A 493 6.77 -5.32 -14.64
CA ASP A 493 6.11 -4.09 -14.23
C ASP A 493 5.08 -3.61 -15.27
N VAL A 494 5.46 -3.56 -16.54
CA VAL A 494 4.56 -3.16 -17.62
C VAL A 494 3.35 -4.10 -17.73
N LEU A 495 3.61 -5.41 -17.73
CA LEU A 495 2.54 -6.42 -17.83
C LEU A 495 1.51 -6.30 -16.70
N VAL A 496 1.99 -6.37 -15.45
CA VAL A 496 1.09 -6.51 -14.30
C VAL A 496 0.35 -5.21 -13.99
N ARG A 497 1.00 -4.05 -14.16
CA ARG A 497 0.33 -2.73 -13.99
C ARG A 497 -0.79 -2.49 -15.00
N THR A 498 -0.46 -2.67 -16.29
CA THR A 498 -1.40 -2.34 -17.37
C THR A 498 -2.53 -3.36 -17.53
N LYS A 499 -2.25 -4.63 -17.26
CA LYS A 499 -3.23 -5.73 -17.42
C LYS A 499 -3.69 -6.42 -16.12
N ARG A 500 -3.58 -5.73 -14.99
N ARG A 500 -3.57 -5.72 -14.99
CA ARG A 500 -3.89 -6.28 -13.66
CA ARG A 500 -3.90 -6.25 -13.65
C ARG A 500 -5.26 -6.96 -13.56
C ARG A 500 -5.26 -6.95 -13.56
N ASP A 501 -6.30 -6.23 -13.96
CA ASP A 501 -7.69 -6.70 -13.86
C ASP A 501 -7.99 -7.86 -14.82
N TRP A 502 -7.52 -7.73 -16.06
CA TRP A 502 -7.66 -8.81 -17.06
C TRP A 502 -6.95 -10.09 -16.61
N LEU A 503 -5.71 -9.96 -16.14
CA LEU A 503 -4.92 -11.09 -15.62
C LEU A 503 -5.62 -11.83 -14.48
N VAL A 504 -6.20 -11.09 -13.53
CA VAL A 504 -6.95 -11.68 -12.44
C VAL A 504 -8.23 -12.41 -12.92
N LYS A 505 -8.96 -11.80 -13.86
CA LYS A 505 -10.12 -12.43 -14.53
C LYS A 505 -9.79 -13.75 -15.24
N GLN A 506 -8.55 -13.90 -15.74
CA GLN A 506 -8.11 -15.16 -16.41
C GLN A 506 -7.56 -16.18 -15.41
N ARG A 507 -7.64 -15.93 -14.11
CA ARG A 507 -7.03 -16.81 -13.08
C ARG A 507 -5.50 -16.79 -13.22
N GLY A 508 -4.96 -15.65 -13.63
CA GLY A 508 -3.50 -15.47 -13.72
C GLY A 508 -2.83 -16.44 -14.66
N TRP A 509 -1.68 -16.90 -14.24
CA TRP A 509 -0.90 -17.82 -15.08
C TRP A 509 -1.52 -19.22 -15.30
N ASP A 510 -2.48 -19.64 -14.47
CA ASP A 510 -3.28 -20.85 -14.77
C ASP A 510 -4.12 -20.70 -16.05
N GLY A 511 -4.65 -19.50 -16.29
CA GLY A 511 -5.34 -19.17 -17.53
C GLY A 511 -4.49 -19.27 -18.78
N PHE A 512 -3.26 -18.78 -18.67
CA PHE A 512 -2.21 -18.92 -19.70
C PHE A 512 -1.93 -20.38 -20.07
N VAL A 513 -1.71 -21.20 -19.04
CA VAL A 513 -1.44 -22.64 -19.21
C VAL A 513 -2.62 -23.32 -19.91
N GLU A 514 -3.84 -23.02 -19.44
CA GLU A 514 -5.09 -23.55 -20.01
C GLU A 514 -5.36 -23.10 -21.45
N PHE A 515 -5.12 -21.82 -21.73
CA PHE A 515 -5.34 -21.23 -23.07
C PHE A 515 -4.52 -21.94 -24.16
N PHE A 516 -3.24 -22.16 -23.88
CA PHE A 516 -2.30 -22.84 -24.79
C PHE A 516 -2.12 -24.37 -24.53
N HIS A 517 -3.06 -25.02 -23.82
CA HIS A 517 -3.00 -26.48 -23.58
C HIS A 517 -3.23 -27.25 -24.89
N VAL A 518 -2.37 -28.24 -25.16
CA VAL A 518 -2.35 -29.04 -26.40
C VAL A 518 -2.12 -28.15 -27.64
C1 GLC B . -5.83 6.98 7.14
C2 GLC B . -4.44 6.35 7.42
C3 GLC B . -3.91 5.51 6.26
C4 GLC B . -4.97 4.57 5.70
C5 GLC B . -6.28 5.30 5.41
C6 GLC B . -7.40 4.35 5.03
O1 GLC B . -5.73 8.08 6.25
O2 GLC B . -3.48 7.37 7.69
O3 GLC B . -2.75 4.80 6.70
O4 GLC B . -4.44 4.01 4.51
O5 GLC B . -6.74 6.03 6.57
O6 GLC B . -8.45 4.99 4.28
C1 GLC B . -3.87 2.69 4.58
C2 GLC B . -2.61 2.61 3.72
C3 GLC B . -2.94 2.88 2.25
C4 GLC B . -3.99 1.87 1.79
C5 GLC B . -5.22 1.86 2.71
C6 GLC B . -6.15 0.70 2.43
O2 GLC B . -1.66 3.56 4.21
O3 GLC B . -1.74 2.81 1.49
O4 GLC B . -4.38 2.14 0.44
O5 GLC B . -4.79 1.72 4.08
O6 GLC B . -7.43 1.00 2.99
C FMT C . -23.88 -10.70 1.47
O1 FMT C . -24.22 -9.92 2.34
O2 FMT C . -24.78 -11.09 0.57
C1 EDO D . 9.07 -1.36 6.46
O1 EDO D . 8.25 -1.89 7.51
C2 EDO D . 10.05 -2.44 5.97
O2 EDO D . 9.51 -3.23 4.91
C1 YLK E . 4.98 -5.19 -36.49
C3 YLK E . 5.95 -5.88 -34.34
C5 YLK E . 5.72 -7.38 -34.50
C7 YLK E . 4.55 -7.91 -34.17
C8 YLK E . 4.26 -9.40 -34.33
C11 YLK E . 3.48 -11.40 -32.97
C12 YLK E . 1.81 -9.46 -33.42
C19 YLK E . 2.25 -7.40 -30.83
O20 YLK E . 1.97 -6.67 -31.77
C21 YLK E . 3.14 -6.89 -29.78
C23 YLK E . 3.76 -6.59 -27.48
C24 YLK E . 4.97 -6.00 -27.88
O25 YLK E . 5.76 -5.60 -26.87
C27 YLK E . 7.66 -4.23 -27.60
C30 YLK E . 10.14 -2.49 -27.30
C31 YLK E . 9.94 -3.78 -26.53
C32 YLK E . 10.97 -4.13 -25.67
C33 YLK E . 10.88 -5.30 -24.92
C35 YLK E . 9.77 -6.12 -25.02
C36 YLK E . 8.75 -5.77 -25.87
C37 YLK E . 8.80 -4.59 -26.66
C38 YLK E . 7.70 -5.22 -28.78
C40 YLK E . 6.78 -4.86 -31.06
O2 YLK E . 6.14 -5.32 -35.65
F6 YLK E . 6.71 -8.14 -34.99
C9 YLK E . 3.29 -9.90 -33.25
C14 YLK E . 1.03 -10.24 -34.49
S15 YLK E . 0.88 -9.41 -31.86
O16 YLK E . -0.27 -8.56 -31.98
O17 YLK E . 0.73 -10.71 -31.31
N18 YLK E . 1.83 -8.68 -30.73
C22 YLK E . 2.85 -7.05 -28.39
C26 YLK E . 6.30 -4.25 -26.87
C28 YLK E . 7.83 -2.80 -28.19
C29 YLK E . 9.27 -2.41 -28.55
CL34 YLK E . 12.14 -5.77 -23.85
N39 YLK E . 6.55 -5.28 -29.65
C41 YLK E . 7.17 -5.96 -32.03
C43 YLK E . 8.50 -6.67 -31.79
C44 YLK E . 9.02 -7.00 -33.18
O45 YLK E . 8.36 -6.16 -34.11
C46 YLK E . 7.22 -5.53 -33.52
C48 YLK E . 5.29 -5.83 -29.27
C49 YLK E . 4.35 -6.32 -30.16
#